data_2AJ7
#
_entry.id   2AJ7
#
_cell.length_a   108.810
_cell.length_b   108.810
_cell.length_c   82.180
_cell.angle_alpha   90.000
_cell.angle_beta   90.000
_cell.angle_gamma   120.000
#
_symmetry.space_group_name_H-M   'P 63'
#
loop_
_entity.id
_entity.type
_entity.pdbx_description
1 polymer 'hypothetical protein BH3618'
2 non-polymer 1,2-ETHANEDIOL
3 non-polymer 'FORMIC ACID'
4 non-polymer 'NICKEL (II) ION'
5 non-polymer 'POTASSIUM ION'
6 water water
#
_entity_poly.entity_id   1
_entity_poly.type   'polypeptide(L)'
_entity_poly.pdbx_seq_one_letter_code
;(MSE)GSDKIHHHHHH(MSE)KVIETKYSGKLEVAEDRLIAFDQGIPAFEDEKEFVLLPFAAGTPYYTLQSTKTVDLAFI
IVNPFSFFPEYRVKLPEATIAQLNITNENDVAIFSLLTVKEPFSETTVNLQAPIVINANKQ(MSE)GKQLVLGDTAYNRK
QPLFQKELVLAKEAK
;
_entity_poly.pdbx_strand_id   A,B
#
# COMPACT_ATOMS: atom_id res chain seq x y z
N ASP A 4 -22.94 29.24 8.78
CA ASP A 4 -23.68 29.56 10.05
C ASP A 4 -25.20 29.54 9.87
N LYS A 5 -25.67 29.95 8.68
CA LYS A 5 -27.08 29.81 8.28
C LYS A 5 -27.37 28.47 7.55
N ILE A 6 -26.36 27.62 7.49
CA ILE A 6 -26.48 26.26 6.97
C ILE A 6 -26.10 25.27 8.09
N HIS A 7 -27.05 24.43 8.51
CA HIS A 7 -26.88 23.40 9.57
C HIS A 7 -26.60 22.01 8.98
N HIS A 8 -25.92 21.16 9.74
CA HIS A 8 -25.57 19.82 9.25
C HIS A 8 -25.09 18.94 10.40
N HIS A 9 -24.92 17.64 10.14
CA HIS A 9 -24.42 16.67 11.12
C HIS A 9 -23.15 16.00 10.57
N HIS A 10 -22.30 16.82 9.95
CA HIS A 10 -21.10 16.34 9.27
C HIS A 10 -19.84 16.78 10.03
N HIS A 11 -20.04 17.31 11.24
CA HIS A 11 -18.94 17.86 12.05
C HIS A 11 -17.88 16.82 12.46
N HIS A 12 -18.31 15.56 12.48
CA HIS A 12 -17.42 14.43 12.80
C HIS A 12 -16.39 14.09 11.69
N LYS A 14 -13.43 15.01 9.36
CA LYS A 14 -12.30 15.94 9.37
CA LYS A 14 -12.34 15.96 9.35
C LYS A 14 -11.58 15.88 8.02
N VAL A 15 -11.17 17.04 7.51
CA VAL A 15 -10.36 17.12 6.31
C VAL A 15 -8.90 17.20 6.71
N ILE A 16 -8.10 16.27 6.20
CA ILE A 16 -6.65 16.31 6.45
C ILE A 16 -5.82 16.18 5.18
N GLU A 17 -4.69 16.90 5.14
CA GLU A 17 -3.75 16.80 4.06
C GLU A 17 -2.80 15.62 4.36
N THR A 18 -2.74 14.67 3.43
CA THR A 18 -1.91 13.48 3.61
C THR A 18 -0.70 13.52 2.67
N LYS A 19 0.36 12.81 3.04
CA LYS A 19 1.63 12.85 2.33
C LYS A 19 1.48 12.18 0.97
N TYR A 20 0.74 11.09 0.95
CA TYR A 20 0.67 10.21 -0.24
C TYR A 20 -0.67 10.13 -0.92
N SER A 21 -1.73 10.67 -0.31
CA SER A 21 -3.07 10.55 -0.92
C SER A 21 -3.81 11.85 -1.10
N GLY A 22 -3.09 12.96 -0.93
CA GLY A 22 -3.72 14.23 -0.98
C GLY A 22 -4.68 14.52 0.16
N LYS A 23 -5.64 15.38 -0.14
CA LYS A 23 -6.63 15.77 0.84
C LYS A 23 -7.69 14.70 0.97
N LEU A 24 -7.94 14.29 2.20
CA LEU A 24 -8.83 13.16 2.53
C LEU A 24 -9.80 13.64 3.62
N GLU A 25 -11.00 13.07 3.65
CA GLU A 25 -11.90 13.23 4.80
C GLU A 25 -11.74 12.01 5.67
N VAL A 26 -11.59 12.23 6.99
CA VAL A 26 -11.50 11.12 7.94
CA VAL A 26 -11.48 11.13 7.94
C VAL A 26 -12.49 11.29 9.07
N ALA A 27 -13.20 10.20 9.39
CA ALA A 27 -14.12 10.12 10.54
C ALA A 27 -13.39 10.41 11.83
N GLU A 28 -14.03 11.14 12.74
CA GLU A 28 -13.40 11.47 14.02
C GLU A 28 -12.98 10.20 14.75
N ASP A 29 -13.76 9.13 14.60
CA ASP A 29 -13.42 7.88 15.29
C ASP A 29 -12.21 7.14 14.75
N ARG A 30 -11.59 7.67 13.72
CA ARG A 30 -10.32 7.11 13.22
C ARG A 30 -9.13 7.88 13.73
N LEU A 31 -9.36 8.94 14.51
CA LEU A 31 -8.24 9.76 14.94
C LEU A 31 -7.68 9.10 16.20
N ILE A 32 -6.40 8.74 16.13
CA ILE A 32 -5.73 8.05 17.24
CA ILE A 32 -5.71 8.05 17.23
C ILE A 32 -4.91 9.04 18.05
N ALA A 33 -5.19 9.09 19.33
CA ALA A 33 -4.46 9.92 20.26
C ALA A 33 -3.15 9.24 20.64
N PHE A 34 -2.03 9.93 20.41
CA PHE A 34 -0.75 9.50 20.91
C PHE A 34 -0.37 10.51 21.99
N ASP A 35 -0.78 10.25 23.22
CA ASP A 35 -0.59 11.26 24.27
C ASP A 35 0.85 11.59 24.59
N GLN A 36 1.76 10.62 24.39
CA GLN A 36 3.21 10.86 24.55
C GLN A 36 3.89 11.13 23.22
N GLY A 37 3.10 11.39 22.20
CA GLY A 37 3.60 11.42 20.83
C GLY A 37 4.29 10.13 20.46
N ILE A 38 5.32 10.23 19.62
CA ILE A 38 6.16 9.12 19.20
C ILE A 38 7.61 9.63 19.49
N PRO A 39 8.51 8.75 19.91
CA PRO A 39 9.90 9.13 20.17
C PRO A 39 10.51 9.90 18.99
N ALA A 40 11.12 11.05 19.29
CA ALA A 40 11.67 11.99 18.32
C ALA A 40 10.59 12.86 17.63
N PHE A 41 9.34 12.64 17.96
CA PHE A 41 8.18 13.37 17.46
C PHE A 41 7.15 13.49 18.61
N GLU A 42 7.61 13.91 19.78
CA GLU A 42 6.81 13.79 20.98
C GLU A 42 5.63 14.79 21.00
N ASP A 43 5.75 15.83 20.19
CA ASP A 43 4.65 16.81 20.00
C ASP A 43 3.51 16.38 19.04
N GLU A 44 3.69 15.27 18.34
CA GLU A 44 2.71 14.80 17.36
C GLU A 44 1.76 13.87 18.12
N LYS A 45 0.61 14.42 18.54
CA LYS A 45 -0.29 13.75 19.45
C LYS A 45 -1.46 13.09 18.73
N GLU A 46 -1.53 13.17 17.39
CA GLU A 46 -2.67 12.58 16.69
C GLU A 46 -2.29 12.10 15.28
N PHE A 47 -2.67 10.86 15.02
CA PHE A 47 -2.36 10.14 13.79
C PHE A 47 -3.63 9.43 13.32
N VAL A 48 -3.66 9.17 12.02
CA VAL A 48 -4.66 8.32 11.43
C VAL A 48 -3.97 7.13 10.70
N LEU A 49 -4.58 5.95 10.79
CA LEU A 49 -4.02 4.79 10.15
C LEU A 49 -4.68 4.67 8.79
N LEU A 50 -3.88 4.64 7.74
CA LEU A 50 -4.37 4.57 6.37
C LEU A 50 -3.89 3.25 5.74
N PRO A 51 -4.76 2.22 5.71
CA PRO A 51 -4.35 0.95 5.12
C PRO A 51 -4.22 1.05 3.56
N PHE A 52 -3.25 0.32 3.02
CA PHE A 52 -3.10 0.21 1.58
C PHE A 52 -4.30 -0.49 0.92
N ALA A 53 -4.53 -1.72 1.37
CA ALA A 53 -5.58 -2.54 0.73
C ALA A 53 -5.90 -3.73 1.60
N ALA A 54 -7.17 -4.02 1.73
CA ALA A 54 -7.61 -5.16 2.50
C ALA A 54 -6.85 -6.42 2.11
N GLY A 55 -6.38 -7.18 3.10
CA GLY A 55 -5.74 -8.44 2.83
C GLY A 55 -4.23 -8.29 2.75
N THR A 56 -3.74 -7.06 2.73
CA THR A 56 -2.30 -6.78 2.68
C THR A 56 -1.77 -6.15 3.96
N PRO A 57 -0.49 -6.34 4.27
CA PRO A 57 0.00 -5.85 5.55
C PRO A 57 0.58 -4.44 5.60
N TYR A 58 0.30 -3.63 4.60
CA TYR A 58 0.91 -2.32 4.43
C TYR A 58 -0.07 -1.20 4.84
N TYR A 59 0.47 -0.21 5.52
CA TYR A 59 -0.27 0.93 6.04
C TYR A 59 0.68 2.14 6.06
N THR A 60 0.07 3.32 6.13
CA THR A 60 0.82 4.51 6.57
C THR A 60 0.15 5.05 7.85
N LEU A 61 0.97 5.59 8.73
CA LEU A 61 0.53 6.25 9.99
C LEU A 61 0.78 7.74 9.76
N GLN A 62 -0.26 8.48 9.47
CA GLN A 62 -0.24 9.86 8.97
C GLN A 62 -0.55 10.83 10.09
N SER A 63 0.35 11.80 10.33
CA SER A 63 0.08 12.91 11.25
C SER A 63 -1.12 13.70 10.71
N THR A 64 -2.05 14.06 11.58
CA THR A 64 -3.18 14.89 11.16
C THR A 64 -2.89 16.39 11.21
N LYS A 65 -1.71 16.75 11.71
CA LYS A 65 -1.26 18.14 11.82
C LYS A 65 -0.10 18.46 10.90
N THR A 66 0.66 17.46 10.49
CA THR A 66 1.88 17.67 9.74
C THR A 66 1.83 16.83 8.49
N VAL A 67 1.62 17.47 7.34
CA VAL A 67 1.36 16.70 6.13
CA VAL A 67 1.38 16.71 6.10
C VAL A 67 2.51 15.77 5.76
N ASP A 68 3.74 16.22 5.94
CA ASP A 68 4.87 15.39 5.51
C ASP A 68 5.35 14.33 6.49
N LEU A 69 4.63 14.16 7.59
CA LEU A 69 5.00 13.15 8.57
C LEU A 69 4.03 11.97 8.44
N ALA A 70 4.47 10.94 7.75
CA ALA A 70 3.67 9.77 7.54
C ALA A 70 4.62 8.58 7.60
N PHE A 71 4.44 7.71 8.58
CA PHE A 71 5.29 6.54 8.69
C PHE A 71 4.78 5.41 7.82
N ILE A 72 5.69 4.77 7.06
CA ILE A 72 5.34 3.55 6.30
C ILE A 72 5.57 2.37 7.20
N ILE A 73 4.52 1.62 7.44
CA ILE A 73 4.52 0.56 8.46
C ILE A 73 3.90 -0.72 7.92
N VAL A 74 4.19 -1.85 8.59
CA VAL A 74 3.63 -3.13 8.29
C VAL A 74 3.11 -3.80 9.52
N ASN A 75 2.21 -4.72 9.31
CA ASN A 75 1.86 -5.75 10.30
C ASN A 75 3.00 -6.75 10.33
N PRO A 76 3.83 -6.72 11.39
CA PRO A 76 5.00 -7.60 11.38
C PRO A 76 4.70 -9.07 11.38
N PHE A 77 3.54 -9.47 11.90
CA PHE A 77 3.18 -10.88 11.96
C PHE A 77 2.99 -11.49 10.56
N SER A 78 2.67 -10.67 9.56
CA SER A 78 2.53 -11.14 8.20
CA SER A 78 2.54 -11.15 8.19
C SER A 78 3.88 -11.53 7.59
N PHE A 79 4.96 -11.01 8.16
CA PHE A 79 6.31 -11.25 7.66
C PHE A 79 7.10 -12.18 8.58
N PHE A 80 6.78 -12.15 9.88
CA PHE A 80 7.53 -12.89 10.93
C PHE A 80 6.51 -13.57 11.80
N PRO A 81 6.07 -14.74 11.35
CA PRO A 81 5.08 -15.54 12.08
C PRO A 81 5.39 -15.84 13.56
N GLU A 82 6.66 -15.98 13.90
CA GLU A 82 7.11 -16.26 15.26
C GLU A 82 7.33 -15.01 16.14
N TYR A 83 7.16 -13.81 15.58
CA TYR A 83 7.29 -12.56 16.35
C TYR A 83 6.31 -12.55 17.53
N ARG A 84 6.77 -12.02 18.66
CA ARG A 84 5.95 -11.94 19.87
C ARG A 84 6.25 -10.61 20.53
N VAL A 85 5.18 -9.92 20.95
CA VAL A 85 5.29 -8.62 21.61
C VAL A 85 4.70 -8.67 23.01
N LYS A 86 5.52 -8.41 24.03
CA LYS A 86 5.05 -8.35 25.41
C LYS A 86 4.74 -6.91 25.85
N LEU A 87 3.46 -6.63 26.06
CA LEU A 87 3.05 -5.32 26.56
C LEU A 87 3.20 -5.30 28.07
N PRO A 88 4.08 -4.42 28.57
CA PRO A 88 4.10 -4.29 30.02
C PRO A 88 2.80 -3.81 30.62
N GLU A 89 2.63 -4.12 31.90
CA GLU A 89 1.48 -3.71 32.67
C GLU A 89 1.17 -2.19 32.52
N ALA A 90 2.21 -1.35 32.49
CA ALA A 90 2.00 0.09 32.38
C ALA A 90 1.50 0.52 31.01
N THR A 91 1.87 -0.23 29.98
CA THR A 91 1.41 0.07 28.61
C THR A 91 -0.05 -0.33 28.50
N ILE A 92 -0.40 -1.47 29.09
CA ILE A 92 -1.80 -1.90 29.13
C ILE A 92 -2.69 -0.80 29.72
N ALA A 93 -2.26 -0.23 30.81
CA ALA A 93 -3.01 0.84 31.48
C ALA A 93 -3.01 2.14 30.68
N GLN A 94 -1.84 2.49 30.17
CA GLN A 94 -1.69 3.71 29.36
C GLN A 94 -2.64 3.80 28.17
N LEU A 95 -2.83 2.66 27.51
CA LEU A 95 -3.63 2.58 26.30
C LEU A 95 -5.02 2.05 26.59
N ASN A 96 -5.38 1.96 27.86
CA ASN A 96 -6.70 1.46 28.29
C ASN A 96 -7.14 0.20 27.56
N ILE A 97 -6.22 -0.76 27.51
CA ILE A 97 -6.48 -2.05 26.90
C ILE A 97 -7.24 -2.92 27.90
N THR A 98 -8.38 -3.47 27.50
CA THR A 98 -9.19 -4.32 28.38
C THR A 98 -9.41 -5.69 27.74
N ASN A 99 -8.72 -5.96 26.63
CA ASN A 99 -8.86 -7.18 25.88
C ASN A 99 -7.75 -7.27 24.82
N GLU A 100 -7.13 -8.45 24.66
CA GLU A 100 -6.10 -8.60 23.63
C GLU A 100 -6.62 -8.29 22.22
N ASN A 101 -7.91 -8.49 21.98
CA ASN A 101 -8.50 -8.16 20.67
C ASN A 101 -8.55 -6.67 20.37
N ASP A 102 -8.41 -5.83 21.41
CA ASP A 102 -8.34 -4.38 21.25
C ASP A 102 -7.06 -3.94 20.51
N VAL A 103 -6.02 -4.77 20.50
CA VAL A 103 -4.68 -4.29 20.15
C VAL A 103 -4.27 -4.60 18.73
N ALA A 104 -3.65 -3.61 18.09
CA ALA A 104 -2.98 -3.81 16.81
C ALA A 104 -1.55 -3.40 16.94
N ILE A 105 -0.66 -4.23 16.40
CA ILE A 105 0.74 -3.98 16.34
C ILE A 105 1.20 -3.66 14.90
N PHE A 106 2.06 -2.64 14.78
CA PHE A 106 2.71 -2.30 13.50
C PHE A 106 4.15 -2.06 13.73
N SER A 107 4.93 -2.16 12.65
CA SER A 107 6.39 -1.94 12.70
C SER A 107 6.81 -0.98 11.62
N LEU A 108 7.69 -0.07 11.99
CA LEU A 108 8.17 0.95 11.09
C LEU A 108 9.16 0.39 10.08
N LEU A 109 8.88 0.64 8.80
CA LEU A 109 9.82 0.41 7.70
C LEU A 109 10.84 1.52 7.56
N THR A 110 12.05 1.13 7.17
CA THR A 110 13.06 2.04 6.60
C THR A 110 13.23 1.65 5.17
N VAL A 111 12.46 2.35 4.32
CA VAL A 111 12.36 2.02 2.92
C VAL A 111 13.66 2.37 2.17
N LYS A 112 14.23 1.42 1.44
CA LYS A 112 15.50 1.60 0.77
C LYS A 112 15.34 1.37 -0.71
N GLU A 113 16.33 1.80 -1.46
CA GLU A 113 16.43 1.55 -2.89
C GLU A 113 17.63 0.64 -3.13
N PRO A 114 17.43 -0.55 -3.71
CA PRO A 114 16.18 -1.16 -4.12
C PRO A 114 15.32 -1.54 -2.93
N PHE A 115 14.02 -1.69 -3.19
CA PHE A 115 13.08 -1.94 -2.10
C PHE A 115 13.41 -3.22 -1.35
N SER A 116 13.96 -4.22 -2.04
CA SER A 116 14.34 -5.46 -1.39
C SER A 116 15.34 -5.24 -0.23
N GLU A 117 16.01 -4.08 -0.18
CA GLU A 117 16.93 -3.79 0.93
C GLU A 117 16.27 -3.13 2.14
N THR A 118 14.95 -2.91 2.05
CA THR A 118 14.17 -2.33 3.13
C THR A 118 14.27 -3.11 4.45
N THR A 119 14.36 -2.36 5.54
CA THR A 119 14.43 -2.95 6.87
C THR A 119 13.16 -2.62 7.69
N VAL A 120 12.93 -3.40 8.72
CA VAL A 120 11.81 -3.18 9.65
C VAL A 120 12.37 -3.18 11.11
N ASN A 121 11.85 -2.25 11.92
CA ASN A 121 12.23 -2.15 13.35
C ASN A 121 11.35 -3.05 14.22
N LEU A 122 11.93 -4.21 14.56
CA LEU A 122 11.23 -5.20 15.39
C LEU A 122 11.37 -5.00 16.87
N GLN A 123 12.22 -4.07 17.26
CA GLN A 123 12.44 -3.75 18.67
C GLN A 123 11.44 -2.73 19.22
N ALA A 124 10.84 -1.93 18.34
CA ALA A 124 10.04 -0.79 18.79
C ALA A 124 8.73 -0.64 18.03
N PRO A 125 7.81 -1.57 18.28
CA PRO A 125 6.53 -1.53 17.60
C PRO A 125 5.61 -0.36 17.93
N ILE A 126 4.78 0.02 16.96
CA ILE A 126 3.63 0.86 17.19
C ILE A 126 2.54 0.01 17.79
N VAL A 127 1.94 0.49 18.88
CA VAL A 127 0.89 -0.26 19.57
C VAL A 127 -0.34 0.66 19.63
N ILE A 128 -1.43 0.17 19.08
CA ILE A 128 -2.68 0.93 18.95
C ILE A 128 -3.86 0.13 19.50
N ASN A 129 -4.60 0.77 20.40
CA ASN A 129 -5.92 0.33 20.82
C ASN A 129 -6.92 1.12 20.00
N ALA A 130 -7.40 0.56 18.91
CA ALA A 130 -8.32 1.28 18.02
C ALA A 130 -9.68 1.58 18.67
N ASN A 131 -10.17 0.65 19.49
CA ASN A 131 -11.44 0.87 20.21
CA ASN A 131 -11.43 0.84 20.25
C ASN A 131 -11.40 2.13 21.06
N LYS A 132 -10.28 2.38 21.75
CA LYS A 132 -10.15 3.58 22.57
C LYS A 132 -9.40 4.71 21.88
N GLN A 133 -8.97 4.49 20.64
CA GLN A 133 -8.24 5.51 19.84
C GLN A 133 -7.01 5.99 20.58
N GLY A 135 -2.68 5.32 21.04
CA GLY A 135 -1.44 4.70 20.57
C GLY A 135 -0.18 5.17 21.24
N LYS A 136 0.89 4.39 21.00
CA LYS A 136 2.21 4.75 21.39
C LYS A 136 3.18 3.95 20.52
N GLN A 137 4.46 4.30 20.56
CA GLN A 137 5.51 3.37 20.17
C GLN A 137 6.15 2.84 21.43
N LEU A 138 6.28 1.53 21.48
CA LEU A 138 6.84 0.89 22.67
C LEU A 138 8.17 0.30 22.33
N VAL A 139 9.20 0.71 23.06
CA VAL A 139 10.51 0.11 22.91
C VAL A 139 10.58 -1.10 23.82
N LEU A 140 10.76 -2.28 23.21
CA LEU A 140 10.71 -3.54 23.97
C LEU A 140 11.98 -3.71 24.73
N GLY A 141 11.85 -4.29 25.92
CA GLY A 141 13.00 -4.51 26.78
C GLY A 141 13.33 -5.97 26.76
N ASP A 142 14.61 -6.27 26.90
CA ASP A 142 15.06 -7.63 27.15
C ASP A 142 14.75 -8.56 25.99
N THR A 143 14.75 -8.03 24.75
CA THR A 143 14.60 -8.87 23.56
C THR A 143 15.87 -8.79 22.71
N ALA A 144 15.99 -9.73 21.77
CA ALA A 144 17.06 -9.69 20.78
C ALA A 144 16.51 -9.33 19.43
N TYR A 145 15.44 -8.53 19.38
CA TYR A 145 14.89 -8.16 18.08
C TYR A 145 15.73 -7.09 17.44
N ASN A 146 15.83 -7.14 16.12
CA ASN A 146 16.69 -6.27 15.34
C ASN A 146 15.92 -5.00 14.92
N ARG A 147 16.50 -3.84 15.19
CA ARG A 147 15.90 -2.61 14.77
C ARG A 147 16.00 -2.36 13.26
N LYS A 148 16.85 -3.15 12.59
CA LYS A 148 17.05 -3.12 11.15
C LYS A 148 16.93 -4.53 10.59
N GLN A 149 15.91 -5.23 11.04
CA GLN A 149 15.59 -6.56 10.51
C GLN A 149 15.34 -6.45 9.00
N PRO A 150 16.01 -7.29 8.17
CA PRO A 150 15.59 -7.27 6.77
C PRO A 150 14.14 -7.67 6.57
N LEU A 151 13.42 -6.85 5.82
CA LEU A 151 12.04 -7.17 5.47
C LEU A 151 11.96 -8.38 4.54
N PHE A 152 12.96 -8.55 3.68
CA PHE A 152 13.02 -9.64 2.71
C PHE A 152 14.08 -10.65 3.16
N GLN A 153 13.78 -11.92 2.95
CA GLN A 153 14.71 -13.00 3.24
C GLN A 153 15.67 -13.20 2.08
N LYS A 154 16.96 -12.93 2.31
CA LYS A 154 17.98 -13.16 1.30
C LYS A 154 18.96 -14.27 1.68
N GLU A 155 18.74 -14.88 2.84
CA GLU A 155 19.59 -16.01 3.26
C GLU A 155 18.88 -17.32 3.02
N LEU A 156 19.67 -18.37 2.89
CA LEU A 156 19.16 -19.74 2.76
C LEU A 156 19.34 -20.42 4.09
N VAL A 157 18.21 -20.81 4.70
CA VAL A 157 18.21 -21.44 6.01
C VAL A 157 18.12 -22.92 5.82
N LEU A 158 19.09 -23.61 6.39
CA LEU A 158 19.19 -25.07 6.31
C LEU A 158 18.89 -25.74 7.65
N ALA A 159 17.99 -26.71 7.61
CA ALA A 159 17.70 -27.61 8.72
C ALA A 159 17.81 -29.09 8.30
N LYS A 160 18.31 -29.28 7.07
CA LYS A 160 18.61 -30.59 6.45
C LYS A 160 18.38 -31.76 7.37
N HIS B 10 -4.77 27.85 -13.69
CA HIS B 10 -5.81 26.81 -13.38
C HIS B 10 -5.31 25.34 -13.31
N HIS B 11 -6.14 24.48 -12.73
CA HIS B 11 -5.85 23.06 -12.65
CA HIS B 11 -5.86 23.06 -12.59
C HIS B 11 -7.03 22.26 -13.13
N HIS B 12 -6.82 20.96 -13.32
CA HIS B 12 -7.90 20.07 -13.71
C HIS B 12 -7.83 18.90 -12.79
N LYS B 14 -10.19 15.83 -10.55
CA LYS B 14 -11.41 15.05 -10.48
C LYS B 14 -11.49 14.30 -9.15
N VAL B 15 -12.69 14.28 -8.58
CA VAL B 15 -12.93 13.48 -7.40
C VAL B 15 -13.29 12.09 -7.83
N ILE B 16 -12.55 11.12 -7.29
CA ILE B 16 -12.72 9.73 -7.64
C ILE B 16 -13.10 8.96 -6.39
N GLU B 17 -14.14 8.13 -6.46
CA GLU B 17 -14.47 7.19 -5.40
CA GLU B 17 -14.47 7.19 -5.40
C GLU B 17 -13.55 5.97 -5.54
N THR B 18 -12.81 5.66 -4.48
CA THR B 18 -11.86 4.54 -4.53
C THR B 18 -12.29 3.43 -3.57
N LYS B 19 -11.90 2.19 -3.91
CA LYS B 19 -12.23 1.02 -3.12
C LYS B 19 -11.64 1.07 -1.70
N TYR B 20 -10.40 1.51 -1.53
CA TYR B 20 -9.69 1.33 -0.27
C TYR B 20 -9.41 2.64 0.43
N SER B 21 -9.54 3.77 -0.24
CA SER B 21 -9.20 5.06 0.37
C SER B 21 -10.29 6.08 0.36
N GLY B 22 -11.52 5.69 0.05
CA GLY B 22 -12.60 6.65 -0.05
C GLY B 22 -12.42 7.57 -1.23
N LYS B 23 -13.00 8.75 -1.15
CA LYS B 23 -12.92 9.72 -2.22
C LYS B 23 -11.59 10.44 -2.17
N LEU B 24 -10.91 10.47 -3.31
CA LEU B 24 -9.63 11.16 -3.51
C LEU B 24 -9.77 12.18 -4.63
N GLU B 25 -8.92 13.19 -4.59
CA GLU B 25 -8.83 14.20 -5.64
C GLU B 25 -7.60 13.84 -6.46
N VAL B 26 -7.79 13.68 -7.76
CA VAL B 26 -6.78 13.22 -8.69
C VAL B 26 -6.68 14.22 -9.85
N ALA B 27 -5.46 14.58 -10.24
CA ALA B 27 -5.23 15.36 -11.45
C ALA B 27 -5.81 14.63 -12.68
N GLU B 28 -6.42 15.36 -13.61
CA GLU B 28 -6.96 14.72 -14.82
C GLU B 28 -5.93 14.04 -15.66
N ASP B 29 -4.70 14.52 -15.61
CA ASP B 29 -3.69 13.88 -16.42
C ASP B 29 -3.22 12.54 -15.88
N ARG B 30 -3.74 12.15 -14.72
CA ARG B 30 -3.52 10.80 -14.21
C ARG B 30 -4.54 9.78 -14.68
N LEU B 31 -5.58 10.20 -15.40
CA LEU B 31 -6.63 9.33 -15.87
C LEU B 31 -6.13 8.59 -17.13
N ILE B 32 -6.04 7.27 -17.01
CA ILE B 32 -5.51 6.43 -18.07
CA ILE B 32 -5.53 6.42 -18.08
C ILE B 32 -6.62 5.78 -18.89
N ALA B 33 -6.59 6.04 -20.19
CA ALA B 33 -7.55 5.43 -21.08
C ALA B 33 -7.10 4.00 -21.39
N PHE B 34 -8.02 3.06 -21.18
CA PHE B 34 -7.90 1.65 -21.59
C PHE B 34 -8.91 1.44 -22.69
N ASP B 35 -8.50 1.78 -23.91
CA ASP B 35 -9.49 1.84 -25.01
C ASP B 35 -10.11 0.49 -25.27
N GLN B 36 -9.37 -0.57 -25.02
CA GLN B 36 -9.90 -1.93 -25.12
C GLN B 36 -10.37 -2.54 -23.81
N GLY B 37 -10.48 -1.70 -22.78
CA GLY B 37 -10.70 -2.17 -21.43
C GLY B 37 -9.60 -3.13 -21.00
N ILE B 38 -9.98 -4.13 -20.21
CA ILE B 38 -9.09 -5.19 -19.71
C ILE B 38 -9.85 -6.48 -19.96
N PRO B 39 -9.15 -7.56 -20.31
CA PRO B 39 -9.89 -8.83 -20.49
C PRO B 39 -10.82 -9.19 -19.30
N ALA B 40 -12.04 -9.56 -19.64
CA ALA B 40 -13.17 -9.84 -18.72
C ALA B 40 -13.77 -8.57 -18.12
N PHE B 41 -13.18 -7.43 -18.43
CA PHE B 41 -13.68 -6.11 -18.05
C PHE B 41 -13.59 -5.16 -19.24
N GLU B 42 -14.09 -5.58 -20.37
CA GLU B 42 -13.79 -4.85 -21.59
C GLU B 42 -14.45 -3.47 -21.67
N ASP B 43 -15.53 -3.28 -20.94
CA ASP B 43 -16.24 -1.98 -20.87
C ASP B 43 -15.58 -0.95 -19.91
N GLU B 44 -14.54 -1.33 -19.18
CA GLU B 44 -13.87 -0.48 -18.20
C GLU B 44 -12.78 0.21 -18.97
N LYS B 45 -13.06 1.44 -19.40
CA LYS B 45 -12.22 2.19 -20.32
C LYS B 45 -11.34 3.21 -19.65
N GLU B 46 -11.44 3.35 -18.32
CA GLU B 46 -10.62 4.38 -17.64
C GLU B 46 -10.25 3.94 -16.21
N PHE B 47 -8.95 4.06 -15.92
CA PHE B 47 -8.40 3.71 -14.63
C PHE B 47 -7.42 4.77 -14.18
N VAL B 48 -7.13 4.73 -12.90
CA VAL B 48 -6.10 5.59 -12.29
CA VAL B 48 -6.09 5.58 -12.33
C VAL B 48 -5.18 4.73 -11.46
N LEU B 49 -3.88 4.99 -11.56
CA LEU B 49 -2.87 4.31 -10.76
C LEU B 49 -2.73 5.01 -9.44
N LEU B 50 -2.93 4.27 -8.35
CA LEU B 50 -2.82 4.79 -6.99
C LEU B 50 -1.67 4.10 -6.27
N PRO B 51 -0.49 4.74 -6.21
CA PRO B 51 0.58 4.11 -5.50
C PRO B 51 0.40 4.11 -3.97
N PHE B 52 0.89 3.07 -3.35
CA PHE B 52 0.99 2.98 -1.91
C PHE B 52 1.88 4.09 -1.32
N ALA B 53 3.16 4.06 -1.58
CA ALA B 53 3.93 5.16 -1.00
C ALA B 53 5.20 5.18 -1.82
N ALA B 54 5.72 6.37 -1.96
CA ALA B 54 6.90 6.56 -2.72
C ALA B 54 7.92 5.49 -2.28
N GLY B 55 8.61 4.92 -3.25
CA GLY B 55 9.71 4.02 -3.00
C GLY B 55 9.32 2.59 -2.75
N THR B 56 8.02 2.35 -2.81
CA THR B 56 7.49 0.98 -2.72
C THR B 56 6.89 0.51 -4.03
N PRO B 57 6.90 -0.80 -4.29
CA PRO B 57 6.39 -1.39 -5.52
C PRO B 57 4.95 -1.78 -5.56
N TYR B 58 4.20 -1.19 -4.65
CA TYR B 58 2.77 -1.56 -4.52
C TYR B 58 1.86 -0.45 -4.99
N TYR B 59 0.78 -0.87 -5.66
CA TYR B 59 -0.21 0.06 -6.25
C TYR B 59 -1.55 -0.59 -6.34
N THR B 60 -2.58 0.24 -6.53
CA THR B 60 -3.87 -0.27 -7.03
CA THR B 60 -3.91 -0.18 -6.95
C THR B 60 -4.21 0.45 -8.31
N LEU B 61 -4.86 -0.32 -9.19
CA LEU B 61 -5.35 0.21 -10.44
C LEU B 61 -6.84 0.31 -10.27
N GLN B 62 -7.32 1.52 -10.11
CA GLN B 62 -8.68 1.80 -9.70
C GLN B 62 -9.55 2.25 -10.88
N SER B 63 -10.69 1.59 -11.10
CA SER B 63 -11.65 2.07 -12.12
C SER B 63 -12.18 3.41 -11.69
N THR B 64 -12.20 4.39 -12.60
CA THR B 64 -12.77 5.70 -12.23
C THR B 64 -14.31 5.72 -12.32
N LYS B 65 -14.93 4.63 -12.77
CA LYS B 65 -16.36 4.54 -12.90
C LYS B 65 -17.03 3.48 -12.01
N THR B 66 -16.28 2.55 -11.41
CA THR B 66 -16.84 1.41 -10.66
C THR B 66 -16.00 1.37 -9.41
N VAL B 67 -16.55 1.88 -8.30
CA VAL B 67 -15.71 2.04 -7.10
CA VAL B 67 -15.75 2.02 -7.05
C VAL B 67 -15.11 0.70 -6.65
N ASP B 68 -15.87 -0.38 -6.79
CA ASP B 68 -15.40 -1.66 -6.28
C ASP B 68 -14.48 -2.44 -7.23
N LEU B 69 -14.09 -1.85 -8.35
CA LEU B 69 -13.14 -2.47 -9.26
C LEU B 69 -11.79 -1.83 -9.06
N ALA B 70 -10.92 -2.53 -8.36
CA ALA B 70 -9.57 -2.01 -8.12
C ALA B 70 -8.64 -3.20 -7.98
N PHE B 71 -7.63 -3.24 -8.84
CA PHE B 71 -6.69 -4.35 -8.89
C PHE B 71 -5.52 -3.98 -8.03
N ILE B 72 -5.14 -4.90 -7.14
CA ILE B 72 -3.89 -4.76 -6.36
C ILE B 72 -2.80 -5.33 -7.23
N ILE B 73 -1.84 -4.47 -7.47
CA ILE B 73 -0.70 -4.73 -8.38
C ILE B 73 0.65 -4.37 -7.84
N VAL B 74 1.68 -4.95 -8.47
CA VAL B 74 3.05 -4.64 -8.12
C VAL B 74 3.87 -4.31 -9.39
N ASN B 75 4.98 -3.59 -9.20
CA ASN B 75 6.06 -3.54 -10.15
C ASN B 75 6.82 -4.86 -10.06
N PRO B 76 6.66 -5.77 -11.04
CA PRO B 76 7.28 -7.07 -10.88
C PRO B 76 8.80 -7.05 -10.86
N PHE B 77 9.39 -6.02 -11.44
CA PHE B 77 10.83 -5.95 -11.57
C PHE B 77 11.45 -5.76 -10.19
N SER B 78 10.64 -5.29 -9.22
CA SER B 78 11.15 -5.15 -7.85
C SER B 78 11.24 -6.47 -7.09
N PHE B 79 10.56 -7.50 -7.59
CA PHE B 79 10.43 -8.80 -6.93
C PHE B 79 11.16 -9.92 -7.65
N PHE B 80 11.24 -9.82 -8.98
CA PHE B 80 11.73 -10.89 -9.81
C PHE B 80 12.83 -10.37 -10.73
N PRO B 81 14.11 -10.53 -10.31
CA PRO B 81 15.22 -10.00 -11.07
C PRO B 81 15.31 -10.43 -12.54
N GLU B 82 14.90 -11.66 -12.85
CA GLU B 82 15.01 -12.17 -14.22
C GLU B 82 13.78 -11.91 -15.11
N TYR B 83 12.73 -11.30 -14.56
CA TYR B 83 11.55 -11.00 -15.34
C TYR B 83 11.82 -9.97 -16.44
N ARG B 84 11.31 -10.28 -17.64
CA ARG B 84 11.39 -9.38 -18.78
C ARG B 84 10.09 -9.40 -19.52
N VAL B 85 9.75 -8.27 -20.11
CA VAL B 85 8.51 -8.17 -20.92
C VAL B 85 8.86 -7.78 -22.38
N LYS B 86 8.51 -8.62 -23.33
CA LYS B 86 8.62 -8.22 -24.74
C LYS B 86 7.31 -7.58 -25.20
N LEU B 87 7.40 -6.30 -25.59
CA LEU B 87 6.27 -5.58 -26.13
C LEU B 87 6.14 -5.79 -27.63
N PRO B 88 5.02 -6.38 -28.07
CA PRO B 88 4.84 -6.48 -29.50
C PRO B 88 4.64 -5.13 -30.17
N GLU B 89 4.98 -5.05 -31.45
CA GLU B 89 4.75 -3.81 -32.22
C GLU B 89 3.31 -3.30 -32.14
N ALA B 90 2.34 -4.20 -32.21
CA ALA B 90 0.95 -3.80 -32.14
C ALA B 90 0.63 -3.10 -30.80
N THR B 91 1.23 -3.56 -29.71
CA THR B 91 0.99 -2.96 -28.38
C THR B 91 1.64 -1.58 -28.36
N ILE B 92 2.83 -1.50 -28.90
CA ILE B 92 3.55 -0.22 -28.97
C ILE B 92 2.71 0.82 -29.75
N ALA B 93 2.08 0.40 -30.85
CA ALA B 93 1.29 1.31 -31.66
C ALA B 93 0.05 1.74 -30.90
N GLN B 94 -0.59 0.73 -30.32
CA GLN B 94 -1.82 0.89 -29.59
C GLN B 94 -1.70 1.90 -28.46
N LEU B 95 -0.57 1.89 -27.75
CA LEU B 95 -0.39 2.77 -26.59
C LEU B 95 0.44 3.99 -26.93
N ASN B 96 0.63 4.25 -28.20
CA ASN B 96 1.33 5.47 -28.64
C ASN B 96 2.70 5.59 -27.96
N ILE B 97 3.36 4.44 -27.80
CA ILE B 97 4.70 4.40 -27.25
C ILE B 97 5.74 4.72 -28.31
N THR B 98 6.60 5.66 -27.99
CA THR B 98 7.75 5.94 -28.81
C THR B 98 9.06 5.69 -28.09
N ASN B 99 9.08 5.58 -26.77
CA ASN B 99 10.39 5.36 -26.13
C ASN B 99 10.36 4.65 -24.77
N GLU B 100 11.45 3.89 -24.53
CA GLU B 100 11.57 3.00 -23.37
C GLU B 100 11.06 3.62 -22.06
N ASN B 101 11.45 4.88 -21.83
CA ASN B 101 11.07 5.61 -20.59
C ASN B 101 9.56 5.88 -20.45
N ASP B 102 8.86 5.89 -21.60
CA ASP B 102 7.43 5.98 -21.55
C ASP B 102 6.79 4.90 -20.66
N VAL B 103 7.42 3.71 -20.50
CA VAL B 103 6.61 2.50 -20.24
C VAL B 103 6.66 2.01 -18.80
N ALA B 104 5.50 1.79 -18.21
CA ALA B 104 5.43 1.23 -16.86
C ALA B 104 4.73 -0.13 -16.94
N ILE B 105 5.31 -1.12 -16.24
CA ILE B 105 4.77 -2.49 -16.19
C ILE B 105 4.28 -2.81 -14.76
N PHE B 106 3.13 -3.43 -14.66
CA PHE B 106 2.60 -3.88 -13.37
C PHE B 106 2.02 -5.28 -13.55
N SER B 107 1.92 -6.00 -12.44
CA SER B 107 1.42 -7.36 -12.44
C SER B 107 0.35 -7.52 -11.35
N LEU B 108 -0.70 -8.25 -11.69
CA LEU B 108 -1.81 -8.46 -10.79
CA LEU B 108 -1.82 -8.46 -10.83
C LEU B 108 -1.48 -9.46 -9.70
N LEU B 109 -1.75 -9.07 -8.46
CA LEU B 109 -1.72 -9.98 -7.31
C LEU B 109 -3.00 -10.79 -7.17
N THR B 110 -2.88 -12.04 -6.75
CA THR B 110 -3.96 -12.76 -6.16
C THR B 110 -3.58 -12.85 -4.67
N VAL B 111 -4.22 -12.02 -3.87
CA VAL B 111 -3.85 -11.88 -2.47
C VAL B 111 -4.48 -13.07 -1.70
N LYS B 112 -3.66 -13.70 -0.88
CA LYS B 112 -4.07 -14.90 -0.15
C LYS B 112 -3.88 -14.70 1.33
N GLU B 113 -4.48 -15.61 2.09
CA GLU B 113 -4.38 -15.63 3.55
C GLU B 113 -3.71 -16.97 3.83
N PRO B 114 -2.50 -16.95 4.38
CA PRO B 114 -1.73 -15.77 4.77
C PRO B 114 -1.16 -15.03 3.57
N PHE B 115 -0.84 -13.75 3.77
CA PHE B 115 -0.28 -12.91 2.71
C PHE B 115 0.97 -13.51 2.04
N SER B 116 1.77 -14.22 2.82
CA SER B 116 2.97 -14.87 2.33
C SER B 116 2.72 -15.86 1.18
N GLU B 117 1.47 -16.31 1.02
CA GLU B 117 1.08 -17.21 -0.07
CA GLU B 117 1.09 -17.22 -0.06
C GLU B 117 0.56 -16.51 -1.32
N THR B 118 0.52 -15.18 -1.29
CA THR B 118 0.08 -14.39 -2.43
C THR B 118 0.87 -14.74 -3.68
N THR B 119 0.17 -14.77 -4.81
CA THR B 119 0.76 -15.03 -6.11
C THR B 119 0.64 -13.83 -7.04
N VAL B 120 1.42 -13.89 -8.09
CA VAL B 120 1.52 -12.82 -9.09
CA VAL B 120 1.41 -12.82 -9.08
C VAL B 120 1.36 -13.41 -10.48
N ASN B 121 0.54 -12.75 -11.32
CA ASN B 121 0.31 -13.20 -12.70
C ASN B 121 1.39 -12.60 -13.61
N LEU B 122 2.41 -13.41 -13.90
CA LEU B 122 3.52 -13.00 -14.75
C LEU B 122 3.32 -13.22 -16.25
N GLN B 123 2.19 -13.80 -16.62
CA GLN B 123 1.88 -13.94 -18.04
C GLN B 123 1.10 -12.76 -18.67
N ALA B 124 0.48 -11.91 -17.85
CA ALA B 124 -0.44 -10.88 -18.35
C ALA B 124 -0.23 -9.54 -17.67
N PRO B 125 0.90 -8.88 -17.95
CA PRO B 125 1.16 -7.58 -17.34
C PRO B 125 0.24 -6.46 -17.79
N ILE B 126 0.02 -5.55 -16.86
CA ILE B 126 -0.57 -4.25 -17.17
C ILE B 126 0.55 -3.39 -17.74
N VAL B 127 0.27 -2.74 -18.86
CA VAL B 127 1.25 -1.90 -19.54
C VAL B 127 0.65 -0.49 -19.67
N ILE B 128 1.33 0.51 -19.11
CA ILE B 128 0.81 1.90 -19.11
C ILE B 128 1.88 2.85 -19.67
N ASN B 129 1.41 3.70 -20.61
CA ASN B 129 2.20 4.82 -21.11
C ASN B 129 1.61 6.04 -20.44
N ALA B 130 2.19 6.49 -19.30
CA ALA B 130 1.52 7.55 -18.53
C ALA B 130 1.51 8.85 -19.32
N ASN B 131 2.60 9.07 -20.05
CA ASN B 131 2.81 10.29 -20.86
CA ASN B 131 2.79 10.28 -20.84
C ASN B 131 1.65 10.52 -21.80
N LYS B 132 1.15 9.45 -22.42
CA LYS B 132 0.08 9.52 -23.39
C LYS B 132 -1.30 9.08 -22.85
N GLN B 133 -1.32 8.77 -21.56
CA GLN B 133 -2.51 8.33 -20.84
C GLN B 133 -3.18 7.16 -21.49
N GLY B 135 -3.36 2.68 -21.61
CA GLY B 135 -3.02 1.42 -20.99
C GLY B 135 -3.74 0.26 -21.62
N LYS B 136 -3.21 -0.94 -21.31
CA LYS B 136 -3.87 -2.21 -21.61
C LYS B 136 -3.31 -3.29 -20.70
N GLN B 137 -3.94 -4.43 -20.73
CA GLN B 137 -3.33 -5.66 -20.20
C GLN B 137 -2.83 -6.46 -21.40
N LEU B 138 -1.55 -6.77 -21.38
CA LEU B 138 -0.94 -7.52 -22.46
C LEU B 138 -0.81 -8.97 -22.09
N VAL B 139 -1.34 -9.87 -22.88
CA VAL B 139 -1.22 -11.26 -22.61
C VAL B 139 -0.05 -11.81 -23.40
N LEU B 140 0.93 -12.30 -22.67
CA LEU B 140 2.12 -12.93 -23.25
C LEU B 140 1.76 -14.40 -23.54
N GLY B 141 1.96 -14.84 -24.76
CA GLY B 141 1.64 -16.24 -25.09
C GLY B 141 2.85 -17.16 -25.04
N ASP B 142 3.93 -16.68 -25.63
CA ASP B 142 5.11 -17.52 -25.90
C ASP B 142 6.02 -17.74 -24.70
N THR B 143 5.55 -17.43 -23.48
CA THR B 143 6.43 -17.46 -22.30
C THR B 143 6.28 -18.69 -21.42
N ALA B 144 7.30 -18.89 -20.60
CA ALA B 144 7.28 -19.88 -19.57
C ALA B 144 7.04 -19.23 -18.22
N TYR B 145 6.47 -18.03 -18.21
CA TYR B 145 6.13 -17.38 -16.95
C TYR B 145 4.88 -17.98 -16.33
N ASN B 146 4.77 -17.89 -15.00
CA ASN B 146 3.68 -18.52 -14.29
C ASN B 146 2.60 -17.52 -13.97
N ARG B 147 1.35 -17.93 -14.16
CA ARG B 147 0.22 -17.06 -13.75
C ARG B 147 0.00 -17.01 -12.24
N LYS B 148 0.69 -17.90 -11.51
CA LYS B 148 0.63 -17.95 -10.06
C LYS B 148 2.03 -18.04 -9.45
N GLN B 149 2.93 -17.19 -9.93
CA GLN B 149 4.27 -17.04 -9.35
C GLN B 149 4.15 -16.62 -7.87
N PRO B 150 4.78 -17.35 -6.96
CA PRO B 150 4.78 -16.89 -5.58
C PRO B 150 5.45 -15.52 -5.48
N LEU B 151 4.75 -14.58 -4.86
CA LEU B 151 5.26 -13.23 -4.76
C LEU B 151 6.61 -13.22 -4.05
N PHE B 152 6.78 -14.11 -3.11
CA PHE B 152 7.96 -14.05 -2.26
C PHE B 152 9.02 -15.05 -2.63
N GLN B 153 8.92 -15.58 -3.84
CA GLN B 153 9.98 -16.43 -4.41
C GLN B 153 10.57 -15.64 -5.56
N LYS B 154 11.73 -15.04 -5.32
CA LYS B 154 12.45 -14.30 -6.37
C LYS B 154 12.70 -15.09 -7.65
N GLU B 155 12.94 -16.40 -7.51
CA GLU B 155 13.29 -17.22 -8.67
C GLU B 155 12.02 -17.56 -9.41
N LEU B 156 12.06 -17.39 -10.73
CA LEU B 156 10.90 -17.63 -11.57
C LEU B 156 10.57 -19.12 -11.64
N VAL B 157 9.27 -19.44 -11.50
CA VAL B 157 8.73 -20.76 -11.84
C VAL B 157 8.49 -20.78 -13.34
N LEU B 158 9.15 -21.71 -14.02
#